data_1J56
#
_entry.id   1J56
#
loop_
_entity.id
_entity.type
_entity.pdbx_description
1 polymer 'NITROGEN REGULATION PROTEIN NR(I)'
2 non-polymer 'BERYLLIUM TRIFLUORIDE ION'
#
_entity_poly.entity_id   1
_entity_poly.type   'polypeptide(L)'
_entity_poly.pdbx_seq_one_letter_code
;MQRGIVWVVDDDSSIRWVLERALAGAGLTCTTFENGNEVLAALASKTPDVLLSDIRMPGMDGLALLKQIKQRHPMLPVII
MTAHSDLDAAVSAYQQGAFDYLPKPFDIDEAVALVERAISHYQE
;
_entity_poly.pdbx_strand_id   A
#
loop_
_chem_comp.id
_chem_comp.type
_chem_comp.name
_chem_comp.formula
BEF non-polymer 'BERYLLIUM TRIFLUORIDE ION' 'Be F3 -1'
#
# COMPACT_ATOMS: atom_id res chain seq x y z
N MET A 1 5.56 -6.21 -18.18
CA MET A 1 4.44 -5.36 -18.69
C MET A 1 3.16 -5.70 -17.96
N GLN A 2 2.60 -4.73 -17.25
CA GLN A 2 1.38 -4.93 -16.49
C GLN A 2 0.36 -3.83 -16.77
N ARG A 3 -0.84 -3.96 -16.21
CA ARG A 3 -1.89 -2.96 -16.42
C ARG A 3 -2.08 -2.08 -15.19
N GLY A 4 -0.97 -1.74 -14.52
CA GLY A 4 -1.01 -0.90 -13.33
C GLY A 4 -2.09 -1.27 -12.33
N ILE A 5 -1.72 -1.98 -11.28
CA ILE A 5 -2.68 -2.37 -10.26
C ILE A 5 -2.26 -1.84 -8.88
N VAL A 6 -2.90 -0.76 -8.45
CA VAL A 6 -2.58 -0.15 -7.14
C VAL A 6 -3.68 -0.44 -6.11
N TRP A 7 -3.29 -0.96 -4.96
CA TRP A 7 -4.24 -1.27 -3.88
C TRP A 7 -3.96 -0.39 -2.65
N VAL A 8 -4.99 0.30 -2.15
CA VAL A 8 -4.84 1.19 -0.99
C VAL A 8 -5.75 0.77 0.18
N VAL A 9 -5.40 1.19 1.38
CA VAL A 9 -6.18 0.87 2.58
C VAL A 9 -6.09 1.98 3.62
N ASP A 10 -7.15 2.78 3.68
CA ASP A 10 -7.25 3.90 4.60
C ASP A 10 -8.63 4.55 4.43
N ASP A 11 -9.49 4.39 5.42
CA ASP A 11 -10.86 4.94 5.36
C ASP A 11 -11.72 4.20 4.31
N ASP A 12 -11.20 4.15 3.07
CA ASP A 12 -11.84 3.50 1.93
C ASP A 12 -12.72 4.50 1.16
N SER A 13 -14.02 4.48 1.42
CA SER A 13 -14.99 5.34 0.73
C SER A 13 -14.43 6.74 0.39
N SER A 14 -13.85 7.42 1.37
CA SER A 14 -13.29 8.76 1.13
C SER A 14 -11.96 8.71 0.36
N ILE A 15 -10.95 8.08 0.94
CA ILE A 15 -9.63 7.97 0.29
C ILE A 15 -9.73 7.30 -1.09
N ARG A 16 -10.55 6.26 -1.17
CA ARG A 16 -10.76 5.50 -2.40
C ARG A 16 -11.27 6.38 -3.54
N TRP A 17 -12.49 6.93 -3.40
CA TRP A 17 -13.07 7.78 -4.45
C TRP A 17 -12.03 8.74 -5.06
N VAL A 18 -11.27 9.43 -4.20
CA VAL A 18 -10.24 10.36 -4.66
C VAL A 18 -9.13 9.61 -5.41
N LEU A 19 -8.63 8.54 -4.80
CA LEU A 19 -7.55 7.73 -5.38
C LEU A 19 -8.02 6.90 -6.59
N GLU A 20 -9.14 6.20 -6.45
CA GLU A 20 -9.69 5.38 -7.53
C GLU A 20 -9.89 6.23 -8.80
N ARG A 21 -10.36 7.45 -8.60
CA ARG A 21 -10.61 8.37 -9.72
C ARG A 21 -9.30 8.98 -10.25
N ALA A 22 -8.47 9.50 -9.36
CA ALA A 22 -7.20 10.11 -9.75
C ALA A 22 -6.21 9.10 -10.35
N LEU A 23 -5.92 8.04 -9.59
CA LEU A 23 -4.99 7.00 -10.04
C LEU A 23 -5.41 6.39 -11.39
N ALA A 24 -6.71 6.14 -11.55
CA ALA A 24 -7.23 5.57 -12.80
C ALA A 24 -6.85 6.43 -14.01
N GLY A 25 -6.79 7.75 -13.83
CA GLY A 25 -6.42 8.65 -14.92
C GLY A 25 -5.05 8.35 -15.50
N ALA A 26 -4.10 7.98 -14.63
CA ALA A 26 -2.74 7.66 -15.06
C ALA A 26 -2.68 6.34 -15.84
N GLY A 27 -3.72 5.51 -15.70
CA GLY A 27 -3.77 4.22 -16.40
C GLY A 27 -3.48 3.04 -15.51
N LEU A 28 -4.11 3.01 -14.33
CA LEU A 28 -3.90 1.92 -13.37
C LEU A 28 -5.19 1.58 -12.61
N THR A 29 -5.37 0.31 -12.29
CA THR A 29 -6.54 -0.15 -11.54
C THR A 29 -6.35 0.08 -10.05
N CYS A 30 -6.98 1.12 -9.52
CA CYS A 30 -6.89 1.46 -8.09
C CYS A 30 -8.07 0.88 -7.30
N THR A 31 -7.77 0.26 -6.16
CA THR A 31 -8.82 -0.32 -5.31
C THR A 31 -8.47 -0.14 -3.82
N THR A 32 -9.49 -0.09 -2.97
CA THR A 32 -9.28 0.10 -1.52
C THR A 32 -9.89 -1.04 -0.69
N PHE A 33 -9.49 -1.08 0.59
CA PHE A 33 -9.99 -2.09 1.53
C PHE A 33 -10.15 -1.49 2.94
N GLU A 34 -10.64 -2.29 3.89
CA GLU A 34 -10.86 -1.83 5.28
C GLU A 34 -9.63 -1.08 5.85
N ASN A 35 -8.53 -1.80 6.07
CA ASN A 35 -7.30 -1.20 6.64
C ASN A 35 -6.02 -1.93 6.20
N GLY A 36 -6.09 -3.25 6.05
CA GLY A 36 -4.93 -4.03 5.64
C GLY A 36 -5.19 -5.53 5.55
N ASN A 37 -5.96 -6.07 6.52
CA ASN A 37 -6.27 -7.50 6.55
C ASN A 37 -7.05 -7.93 5.30
N GLU A 38 -8.10 -7.20 4.96
CA GLU A 38 -8.90 -7.50 3.77
C GLU A 38 -7.97 -7.73 2.57
N VAL A 39 -7.01 -6.83 2.43
CA VAL A 39 -6.01 -6.93 1.36
C VAL A 39 -5.28 -8.27 1.45
N LEU A 40 -4.91 -8.66 2.67
CA LEU A 40 -4.24 -9.95 2.90
C LEU A 40 -5.10 -11.12 2.42
N ALA A 41 -6.43 -10.90 2.37
CA ALA A 41 -7.36 -11.92 1.90
C ALA A 41 -7.49 -11.84 0.37
N ALA A 42 -7.82 -10.65 -0.14
CA ALA A 42 -7.95 -10.44 -1.58
C ALA A 42 -6.62 -10.73 -2.30
N LEU A 43 -5.52 -10.31 -1.69
CA LEU A 43 -4.19 -10.53 -2.25
C LEU A 43 -3.93 -12.02 -2.50
N ALA A 44 -4.61 -12.88 -1.75
CA ALA A 44 -4.46 -14.34 -1.89
C ALA A 44 -4.77 -14.80 -3.31
N SER A 45 -5.58 -14.03 -4.05
CA SER A 45 -5.94 -14.38 -5.43
C SER A 45 -5.54 -13.29 -6.43
N LYS A 46 -4.55 -12.46 -6.09
CA LYS A 46 -4.08 -11.39 -6.99
C LYS A 46 -3.05 -10.48 -6.31
N THR A 47 -1.93 -10.25 -6.99
CA THR A 47 -0.88 -9.38 -6.47
C THR A 47 -0.78 -8.08 -7.29
N PRO A 48 -1.01 -6.91 -6.64
CA PRO A 48 -0.95 -5.61 -7.32
C PRO A 48 0.49 -5.09 -7.48
N ASP A 49 0.71 -4.30 -8.52
CA ASP A 49 2.03 -3.71 -8.79
C ASP A 49 2.50 -2.81 -7.64
N VAL A 50 1.54 -2.17 -6.96
CA VAL A 50 1.84 -1.29 -5.82
C VAL A 50 0.69 -1.30 -4.81
N LEU A 51 1.03 -1.30 -3.51
CA LEU A 51 0.01 -1.33 -2.46
C LEU A 51 0.28 -0.34 -1.32
N LEU A 52 -0.80 0.22 -0.77
CA LEU A 52 -0.73 1.19 0.33
C LEU A 52 -1.64 0.75 1.49
N SER A 53 -1.16 0.84 2.74
CA SER A 53 -1.95 0.42 3.92
C SER A 53 -1.77 1.34 5.13
N ASP A 54 -2.83 1.52 5.92
CA ASP A 54 -2.80 2.35 7.14
C ASP A 54 -1.93 1.70 8.22
N ILE A 55 -2.00 2.20 9.44
CA ILE A 55 -1.19 1.69 10.53
C ILE A 55 -1.79 2.00 11.91
N ARG A 56 -3.06 1.69 12.12
CA ARG A 56 -3.70 1.97 13.40
C ARG A 56 -4.87 1.01 13.71
N MET A 57 -4.55 -0.22 14.07
CA MET A 57 -5.58 -1.22 14.40
C MET A 57 -4.97 -2.59 14.75
N PRO A 58 -4.25 -3.21 13.80
CA PRO A 58 -3.63 -4.53 14.00
C PRO A 58 -2.83 -4.59 15.32
N GLY A 59 -2.69 -5.80 15.88
CA GLY A 59 -1.95 -5.98 17.12
C GLY A 59 -0.69 -5.13 17.22
N MET A 60 -0.02 -4.94 16.08
CA MET A 60 1.20 -4.13 16.02
C MET A 60 0.93 -2.77 15.34
N ASP A 61 -0.04 -2.02 15.88
CA ASP A 61 -0.42 -0.72 15.35
C ASP A 61 -0.83 -0.80 13.87
N GLY A 62 0.16 -0.96 13.00
CA GLY A 62 -0.09 -1.06 11.56
C GLY A 62 0.92 -1.94 10.86
N LEU A 63 2.20 -1.68 11.12
CA LEU A 63 3.29 -2.46 10.53
C LEU A 63 3.00 -3.96 10.56
N ALA A 64 2.21 -4.40 11.55
CA ALA A 64 1.81 -5.80 11.66
C ALA A 64 1.33 -6.32 10.30
N LEU A 65 0.61 -5.47 9.55
CA LEU A 65 0.11 -5.83 8.22
C LEU A 65 1.26 -6.31 7.33
N LEU A 66 2.37 -5.56 7.34
CA LEU A 66 3.55 -5.93 6.58
C LEU A 66 4.02 -7.34 6.97
N LYS A 67 3.98 -7.60 8.29
CA LYS A 67 4.35 -8.92 8.81
C LYS A 67 3.49 -10.02 8.17
N GLN A 68 2.24 -9.67 7.84
CA GLN A 68 1.30 -10.59 7.21
C GLN A 68 1.55 -10.65 5.69
N ILE A 69 1.71 -9.47 5.07
CA ILE A 69 1.98 -9.37 3.64
C ILE A 69 3.14 -10.27 3.24
N LYS A 70 4.27 -10.07 3.91
CA LYS A 70 5.49 -10.84 3.64
C LYS A 70 5.34 -12.34 3.93
N GLN A 71 4.19 -12.76 4.48
CA GLN A 71 3.95 -14.18 4.76
C GLN A 71 3.33 -14.87 3.55
N ARG A 72 2.50 -14.15 2.80
CA ARG A 72 1.84 -14.70 1.62
C ARG A 72 2.40 -14.09 0.32
N HIS A 73 2.96 -12.89 0.42
CA HIS A 73 3.52 -12.18 -0.73
C HIS A 73 5.03 -12.03 -0.61
N PRO A 74 5.80 -12.86 -1.35
CA PRO A 74 7.27 -12.82 -1.32
C PRO A 74 7.84 -11.39 -1.40
N MET A 75 7.53 -10.68 -2.48
CA MET A 75 8.03 -9.30 -2.66
C MET A 75 6.92 -8.38 -3.18
N LEU A 76 6.09 -7.89 -2.27
CA LEU A 76 4.99 -7.00 -2.63
C LEU A 76 5.27 -5.57 -2.16
N PRO A 77 5.28 -4.59 -3.09
CA PRO A 77 5.53 -3.18 -2.77
C PRO A 77 4.42 -2.55 -1.93
N VAL A 78 4.57 -2.61 -0.60
CA VAL A 78 3.58 -2.04 0.30
C VAL A 78 4.06 -0.72 0.93
N ILE A 79 3.23 0.31 0.80
CA ILE A 79 3.51 1.62 1.37
C ILE A 79 2.55 1.92 2.51
N ILE A 80 3.04 2.55 3.57
CA ILE A 80 2.20 2.88 4.73
C ILE A 80 1.95 4.38 4.82
N MET A 81 0.79 4.75 5.37
CA MET A 81 0.40 6.16 5.52
C MET A 81 0.95 6.81 6.79
N THR A 82 1.59 6.03 7.66
CA THR A 82 2.15 6.60 8.90
C THR A 82 3.12 5.65 9.60
N ALA A 83 3.98 6.21 10.43
CA ALA A 83 4.95 5.45 11.20
C ALA A 83 5.05 5.99 12.64
N HIS A 84 4.09 5.60 13.50
CA HIS A 84 4.10 6.06 14.90
C HIS A 84 4.96 5.17 15.79
N SER A 85 4.56 3.90 15.92
CA SER A 85 5.31 2.95 16.78
C SER A 85 5.78 1.71 16.01
N ASP A 86 6.44 0.79 16.75
CA ASP A 86 6.95 -0.48 16.19
C ASP A 86 7.66 -0.30 14.84
N LEU A 87 8.52 0.72 14.75
CA LEU A 87 9.27 0.99 13.51
C LEU A 87 10.06 -0.23 13.02
N ASP A 88 10.49 -1.10 13.93
CA ASP A 88 11.25 -2.29 13.54
C ASP A 88 10.50 -3.11 12.48
N ALA A 89 9.17 -3.13 12.59
CA ALA A 89 8.34 -3.84 11.63
C ALA A 89 8.43 -3.18 10.24
N ALA A 90 8.69 -1.87 10.22
CA ALA A 90 8.84 -1.14 8.96
C ALA A 90 10.14 -1.58 8.29
N VAL A 91 11.23 -1.60 9.07
CA VAL A 91 12.53 -2.04 8.56
C VAL A 91 12.43 -3.44 7.94
N SER A 92 11.68 -4.32 8.60
CA SER A 92 11.49 -5.68 8.09
C SER A 92 10.62 -5.67 6.82
N ALA A 93 9.79 -4.63 6.66
CA ALA A 93 8.96 -4.50 5.47
C ALA A 93 9.83 -4.29 4.23
N TYR A 94 10.83 -3.42 4.35
CA TYR A 94 11.76 -3.15 3.25
C TYR A 94 12.53 -4.43 2.88
N GLN A 95 12.75 -5.29 3.89
CA GLN A 95 13.47 -6.55 3.69
C GLN A 95 12.70 -7.51 2.77
N GLN A 96 11.37 -7.52 2.91
CA GLN A 96 10.50 -8.41 2.10
C GLN A 96 10.22 -7.81 0.72
N GLY A 97 10.10 -6.48 0.66
CA GLY A 97 9.82 -5.81 -0.61
C GLY A 97 8.86 -4.64 -0.49
N ALA A 98 8.88 -3.97 0.66
CA ALA A 98 8.02 -2.82 0.89
C ALA A 98 8.69 -1.54 0.39
N PHE A 99 7.91 -0.65 -0.21
CA PHE A 99 8.43 0.60 -0.76
C PHE A 99 9.00 1.52 0.34
N ASP A 100 8.12 2.22 1.05
CA ASP A 100 8.57 3.13 2.11
C ASP A 100 7.43 3.48 3.08
N TYR A 101 7.75 4.30 4.07
CA TYR A 101 6.77 4.74 5.08
C TYR A 101 6.51 6.24 4.97
N LEU A 102 5.34 6.61 4.45
CA LEU A 102 4.96 8.01 4.26
C LEU A 102 4.07 8.50 5.42
N PRO A 103 4.09 9.83 5.73
CA PRO A 103 3.26 10.40 6.80
C PRO A 103 1.76 10.38 6.43
N LYS A 104 0.88 10.58 7.42
CA LYS A 104 -0.59 10.56 7.18
C LYS A 104 -1.00 11.21 5.86
N PRO A 105 -0.43 12.39 5.49
CA PRO A 105 -0.76 13.05 4.21
C PRO A 105 -0.88 12.02 3.09
N PHE A 106 -2.03 11.98 2.43
CA PHE A 106 -2.24 10.99 1.39
C PHE A 106 -3.07 11.53 0.22
N ASP A 107 -4.35 11.78 0.48
CA ASP A 107 -5.29 12.29 -0.54
C ASP A 107 -4.87 11.85 -1.96
N ILE A 108 -4.17 12.72 -2.70
CA ILE A 108 -3.71 12.38 -4.05
C ILE A 108 -2.29 12.87 -4.31
N ASP A 109 -2.04 14.18 -4.14
CA ASP A 109 -0.72 14.75 -4.38
C ASP A 109 0.38 13.91 -3.72
N GLU A 110 0.27 13.71 -2.42
CA GLU A 110 1.25 12.91 -1.68
C GLU A 110 1.18 11.42 -2.09
N ALA A 111 -0.02 10.85 -2.01
CA ALA A 111 -0.25 9.45 -2.37
C ALA A 111 0.24 9.11 -3.79
N VAL A 112 -0.20 9.89 -4.78
CA VAL A 112 0.18 9.66 -6.17
C VAL A 112 1.64 10.00 -6.43
N ALA A 113 2.07 11.19 -5.98
CA ALA A 113 3.47 11.61 -6.17
C ALA A 113 4.45 10.53 -5.68
N LEU A 114 3.97 9.64 -4.81
CA LEU A 114 4.79 8.56 -4.28
C LEU A 114 4.59 7.26 -5.06
N VAL A 115 3.32 6.88 -5.29
CA VAL A 115 3.00 5.66 -6.03
C VAL A 115 3.67 5.64 -7.41
N GLU A 116 3.67 6.79 -8.09
CA GLU A 116 4.29 6.91 -9.42
C GLU A 116 5.77 6.54 -9.37
N ARG A 117 6.55 7.33 -8.62
CA ARG A 117 7.99 7.07 -8.49
C ARG A 117 8.24 5.63 -8.04
N ALA A 118 7.31 5.07 -7.23
CA ALA A 118 7.44 3.69 -6.75
C ALA A 118 7.53 2.74 -7.95
N ILE A 119 6.56 2.84 -8.86
CA ILE A 119 6.55 2.00 -10.07
C ILE A 119 7.68 2.43 -11.01
N SER A 120 7.90 3.75 -11.10
CA SER A 120 8.97 4.28 -11.96
C SER A 120 10.34 3.71 -11.55
N HIS A 121 10.56 3.64 -10.23
CA HIS A 121 11.82 3.12 -9.67
C HIS A 121 11.91 1.58 -9.78
N TYR A 122 10.79 0.94 -10.17
CA TYR A 122 10.75 -0.50 -10.34
C TYR A 122 10.68 -0.89 -11.82
N GLN A 123 10.01 -0.08 -12.66
CA GLN A 123 9.92 -0.37 -14.10
C GLN A 123 11.15 0.20 -14.84
N GLU A 124 11.95 -0.71 -15.40
CA GLU A 124 13.15 -0.35 -16.14
C GLU A 124 13.08 -0.88 -17.58
BE BEF B . -3.02 5.57 9.79
F1 BEF B . -2.79 4.65 10.94
F2 BEF B . -3.95 6.65 10.20
F3 BEF B . -1.74 6.18 9.38
#